data_2L3E
#
_entry.id   2L3E
#
_entity_poly.entity_id   1
_entity_poly.type   'polyribonucleotide'
_entity_poly.pdbx_seq_one_letter_code
;GGCUUUUGCUCCCCGUGCUUCGGCACGGAAAAGCC
;
_entity_poly.pdbx_strand_id   A
#
loop_
_chem_comp.id
_chem_comp.type
_chem_comp.name
_chem_comp.formula
A RNA linking ADENOSINE-5'-MONOPHOSPHATE 'C10 H14 N5 O7 P'
C RNA linking CYTIDINE-5'-MONOPHOSPHATE 'C9 H14 N3 O8 P'
G RNA linking GUANOSINE-5'-MONOPHOSPHATE 'C10 H14 N5 O8 P'
U RNA linking URIDINE-5'-MONOPHOSPHATE 'C9 H13 N2 O9 P'
#